data_1NK6
#
_entry.id   1NK6
#
_cell.length_a   87.863
_cell.length_b   93.682
_cell.length_c   105.452
_cell.angle_alpha   90.00
_cell.angle_beta   90.00
_cell.angle_gamma   90.00
#
_symmetry.space_group_name_H-M   'P 21 21 21'
#
loop_
_entity.id
_entity.type
_entity.pdbx_description
1 polymer 'DNA PRIMER STRAND'
2 polymer 'DNA TEMPLATE STRAND'
3 polymer 'DNA POLYMERASE I'
4 branched beta-D-fructofuranose-(2-1)-alpha-D-glucopyranose
5 non-polymer 'SULFATE ION'
6 water water
#
loop_
_entity_poly.entity_id
_entity_poly.type
_entity_poly.pdbx_seq_one_letter_code
_entity_poly.pdbx_strand_id
1 'polydeoxyribonucleotide' (DG)(DC)(DA)(DT)(DG)(DA)(DT)(DC)(DC) B
2 'polydeoxyribonucleotide' (DG)(DA)(DT)(DC)(DG)(DC)(DG)(DA)(DT)(DC)(DA)(DT)(DG)(DC)(DA) C
3 'polypeptide(L)'
;AKMAFTLADRVTEEMLADKAALVVEVVEENYHDAPIVGIAVVNEHGRFFLRPETALADPQFVAWLGDETKKKSMFDSKRA
AVALKWKGIELCGVSFDLLLAAYLLDPAQGVDDVAAAAKMKQYEAVRPDEAVYGKGAKRAVPDEPVLAEHLVRKAAAIWE
LERPFLDELRRNEQDRLLVELEQPLSSILAEMEFAGVKVDTKRLEQMGKELAEQLGTVEQRIYELAGQEFNINSPKQLGV
ILFEKLQLPVLKKTKTGYSTSADVLEKLAPYHEIVENILHYRQLGKLQSTYIEGLLKVVRPDTKKVHTIFNQALTQTGRL
SSTEPNLQNIPIRLEEGRKIRQAFVPSESDWLIFAADYSQIELRVLAHIAEDDNLMEAFRRDLDIHTKTAMDIFQVSEDE
VTPNMRRQAKAVNFGIVYGISDYGLAQNLNISRKEAAEFIERYFESFPGVKRYMENIVQEAKQKGYVTTLLHRRRYLPDI
TSRNFNVRSFAERMAMNTPIQGSAADIIKKAMIDLNARLKEERLQAHLLLQVHDELILEAPKEEMERLCRLVPEVMEQAV
TLRVPLKVDYHYGSTWYDAK
;
A
#
# COMPACT_ATOMS: atom_id res chain seq x y z
N ALA C 1 -5.93 20.64 34.11
CA ALA C 1 -5.10 21.87 34.25
C ALA C 1 -4.24 22.06 33.00
N LYS C 2 -4.23 23.28 32.48
CA LYS C 2 -3.45 23.60 31.29
C LYS C 2 -1.99 23.19 31.43
N MET C 3 -1.30 23.07 30.30
CA MET C 3 0.10 22.70 30.29
C MET C 3 0.95 23.94 30.04
N ALA C 4 1.95 24.13 30.90
CA ALA C 4 2.84 25.29 30.79
C ALA C 4 3.75 25.19 29.57
N PHE C 5 3.95 26.33 28.92
CA PHE C 5 4.82 26.39 27.75
C PHE C 5 5.04 27.83 27.34
N THR C 6 6.18 28.07 26.71
CA THR C 6 6.53 29.40 26.23
C THR C 6 6.01 29.58 24.81
N LEU C 7 5.17 30.59 24.62
CA LEU C 7 4.64 30.89 23.30
C LEU C 7 5.63 31.95 22.81
N ALA C 8 6.73 31.48 22.23
CA ALA C 8 7.81 32.33 21.75
C ALA C 8 7.52 33.21 20.53
N ASP C 9 8.22 34.34 20.47
CA ASP C 9 8.12 35.30 19.38
C ASP C 9 9.35 35.12 18.51
N ARG C 10 10.38 34.48 19.08
CA ARG C 10 11.63 34.22 18.38
C ARG C 10 12.33 32.97 18.88
N VAL C 11 13.26 32.46 18.07
CA VAL C 11 14.00 31.23 18.38
C VAL C 11 15.22 31.46 19.28
N THR C 12 15.32 30.67 20.35
CA THR C 12 16.45 30.78 21.27
C THR C 12 17.29 29.51 21.26
N GLU C 13 18.51 29.60 21.76
CA GLU C 13 19.41 28.44 21.78
C GLU C 13 18.87 27.23 22.52
N GLU C 14 18.23 27.43 23.67
CA GLU C 14 17.72 26.31 24.43
C GLU C 14 16.63 25.55 23.69
N MET C 15 16.17 26.09 22.57
CA MET C 15 15.14 25.41 21.77
C MET C 15 15.84 24.51 20.78
N LEU C 16 17.17 24.60 20.72
CA LEU C 16 17.93 23.80 19.77
C LEU C 16 18.81 22.74 20.39
N ALA C 17 18.34 22.12 21.48
CA ALA C 17 19.08 21.06 22.17
C ALA C 17 19.32 19.89 21.21
N ASP C 18 20.20 18.96 21.58
CA ASP C 18 20.48 17.83 20.69
C ASP C 18 19.49 16.67 20.73
N LYS C 19 18.38 16.86 21.43
CA LYS C 19 17.31 15.88 21.51
C LYS C 19 16.02 16.58 21.87
N ALA C 20 14.96 16.29 21.12
CA ALA C 20 13.69 16.93 21.39
C ALA C 20 12.53 16.26 20.68
N ALA C 21 11.34 16.50 21.20
CA ALA C 21 10.12 16.00 20.59
C ALA C 21 9.78 17.22 19.73
N LEU C 22 9.51 17.00 18.46
CA LEU C 22 9.20 18.08 17.54
C LEU C 22 7.87 17.86 16.84
N VAL C 23 7.08 18.92 16.74
CA VAL C 23 5.80 18.88 16.06
C VAL C 23 5.77 20.01 15.02
N VAL C 24 5.64 19.62 13.76
CA VAL C 24 5.55 20.56 12.64
C VAL C 24 4.19 20.16 12.07
N GLU C 25 3.17 20.87 12.53
CA GLU C 25 1.79 20.56 12.16
C GLU C 25 1.27 20.96 10.79
N VAL C 26 0.78 19.96 10.07
CA VAL C 26 0.20 20.16 8.77
C VAL C 26 -1.19 19.55 8.96
N VAL C 27 -2.22 20.40 8.96
CA VAL C 27 -3.59 19.95 9.17
C VAL C 27 -4.27 19.35 7.96
N GLU C 28 -3.96 19.86 6.77
CA GLU C 28 -4.54 19.33 5.53
C GLU C 28 -4.13 17.87 5.39
N GLU C 29 -5.09 16.99 5.09
CA GLU C 29 -4.78 15.58 4.95
C GLU C 29 -3.74 15.32 3.88
N ASN C 30 -3.86 16.00 2.75
CA ASN C 30 -2.88 15.85 1.69
C ASN C 30 -1.85 16.93 2.03
N TYR C 31 -0.68 16.51 2.50
CA TYR C 31 0.33 17.47 2.92
C TYR C 31 1.23 18.07 1.85
N HIS C 32 0.99 17.73 0.58
CA HIS C 32 1.81 18.26 -0.49
C HIS C 32 1.60 19.76 -0.71
N ASP C 33 2.68 20.52 -0.56
CA ASP C 33 2.65 21.97 -0.74
C ASP C 33 1.59 22.57 0.17
N ALA C 34 1.36 21.91 1.29
CA ALA C 34 0.35 22.35 2.24
C ALA C 34 0.94 23.26 3.31
N PRO C 35 0.08 24.02 4.00
CA PRO C 35 0.57 24.93 5.05
C PRO C 35 1.00 24.23 6.34
N ILE C 36 2.01 24.79 6.99
CA ILE C 36 2.50 24.32 8.28
C ILE C 36 1.90 25.37 9.22
N VAL C 37 0.90 24.99 10.01
CA VAL C 37 0.20 25.95 10.87
C VAL C 37 0.81 26.24 12.24
N GLY C 38 1.87 25.55 12.61
CA GLY C 38 2.45 25.80 13.90
C GLY C 38 3.56 24.82 14.21
N ILE C 39 4.40 25.18 15.18
CA ILE C 39 5.52 24.36 15.57
C ILE C 39 5.63 24.27 17.09
N ALA C 40 5.92 23.07 17.58
CA ALA C 40 6.07 22.85 19.00
C ALA C 40 7.33 22.03 19.23
N VAL C 41 8.08 22.44 20.24
CA VAL C 41 9.33 21.80 20.60
C VAL C 41 9.33 21.54 22.09
N VAL C 42 9.69 20.32 22.47
CA VAL C 42 9.76 19.98 23.88
C VAL C 42 11.08 19.26 24.09
N ASN C 43 11.86 19.76 25.05
CA ASN C 43 13.16 19.19 25.36
C ASN C 43 13.47 19.36 26.85
N GLU C 44 14.71 19.09 27.22
CA GLU C 44 15.16 19.19 28.61
C GLU C 44 15.01 20.59 29.20
N HIS C 45 14.95 21.61 28.35
CA HIS C 45 14.85 22.98 28.84
C HIS C 45 13.43 23.49 28.99
N GLY C 46 12.46 22.74 28.47
CA GLY C 46 11.07 23.16 28.59
C GLY C 46 10.22 22.89 27.38
N ARG C 47 9.07 23.56 27.31
CA ARG C 47 8.13 23.40 26.20
C ARG C 47 7.96 24.70 25.45
N PHE C 48 8.06 24.64 24.11
CA PHE C 48 7.94 25.83 23.30
C PHE C 48 7.00 25.73 22.11
N PHE C 49 6.40 26.86 21.77
CA PHE C 49 5.54 26.96 20.59
C PHE C 49 6.15 28.07 19.75
N LEU C 50 6.41 27.77 18.48
CA LEU C 50 6.96 28.75 17.57
C LEU C 50 6.04 28.90 16.38
N ARG C 51 5.86 30.13 15.91
CA ARG C 51 5.03 30.39 14.74
C ARG C 51 5.90 30.01 13.56
N PRO C 52 5.34 29.28 12.58
CA PRO C 52 6.09 28.85 11.40
C PRO C 52 6.74 29.97 10.59
N GLU C 53 6.00 31.04 10.36
CA GLU C 53 6.53 32.18 9.61
C GLU C 53 7.82 32.66 10.27
N THR C 54 7.87 32.49 11.59
CA THR C 54 9.02 32.90 12.39
C THR C 54 10.12 31.85 12.40
N ALA C 55 9.78 30.64 12.81
CA ALA C 55 10.74 29.55 12.91
C ALA C 55 11.36 29.14 11.58
N LEU C 56 10.54 29.05 10.55
CA LEU C 56 11.03 28.64 9.24
C LEU C 56 11.92 29.65 8.54
N ALA C 57 11.93 30.88 9.04
CA ALA C 57 12.76 31.91 8.45
C ALA C 57 14.05 32.08 9.26
N ASP C 58 14.07 31.55 10.47
CA ASP C 58 15.24 31.64 11.35
C ASP C 58 16.37 30.71 10.91
N PRO C 59 17.51 31.29 10.49
CA PRO C 59 18.67 30.52 10.04
C PRO C 59 19.09 29.41 10.99
N GLN C 60 19.09 29.71 12.29
CA GLN C 60 19.47 28.75 13.30
C GLN C 60 18.51 27.57 13.39
N PHE C 61 17.21 27.87 13.41
CA PHE C 61 16.21 26.82 13.49
C PHE C 61 16.35 25.89 12.27
N VAL C 62 16.42 26.49 11.08
CA VAL C 62 16.56 25.71 9.84
C VAL C 62 17.77 24.79 9.89
N ALA C 63 18.91 25.30 10.39
CA ALA C 63 20.11 24.49 10.47
C ALA C 63 19.91 23.38 11.50
N TRP C 64 19.23 23.70 12.61
CA TRP C 64 18.96 22.70 13.64
C TRP C 64 18.12 21.57 13.03
N LEU C 65 17.10 21.95 12.27
CA LEU C 65 16.22 20.98 11.61
C LEU C 65 17.00 20.05 10.70
N GLY C 66 17.96 20.62 9.97
CA GLY C 66 18.75 19.83 9.04
C GLY C 66 19.99 19.18 9.60
N ASP C 67 20.25 19.39 10.88
CA ASP C 67 21.42 18.79 11.50
C ASP C 67 21.09 17.37 11.97
N GLU C 68 21.66 16.39 11.28
CA GLU C 68 21.43 14.98 11.60
C GLU C 68 21.85 14.61 13.01
N THR C 69 22.76 15.37 13.62
CA THR C 69 23.20 15.06 14.97
C THR C 69 22.24 15.56 16.02
N LYS C 70 21.25 16.34 15.61
CA LYS C 70 20.25 16.86 16.54
C LYS C 70 19.05 15.92 16.40
N LYS C 71 18.89 15.03 17.38
CA LYS C 71 17.82 14.05 17.35
C LYS C 71 16.42 14.56 17.66
N LYS C 72 15.47 14.14 16.84
CA LYS C 72 14.07 14.52 17.00
C LYS C 72 13.15 13.30 17.13
N SER C 73 12.16 13.43 18.00
CA SER C 73 11.17 12.38 18.18
C SER C 73 9.89 12.99 17.65
N MET C 74 9.21 12.29 16.74
CA MET C 74 8.00 12.85 16.16
C MET C 74 6.89 11.84 15.93
N PHE C 75 5.80 12.33 15.35
CA PHE C 75 4.67 11.49 14.99
C PHE C 75 4.40 11.79 13.52
N ASP C 76 4.58 10.77 12.68
CA ASP C 76 4.38 10.91 11.23
C ASP C 76 5.38 11.92 10.69
N SER C 77 6.66 11.62 10.86
CA SER C 77 7.70 12.52 10.38
C SER C 77 7.67 12.71 8.85
N LYS C 78 7.16 11.73 8.11
CA LYS C 78 7.11 11.86 6.66
C LYS C 78 6.26 13.05 6.22
N ARG C 79 5.15 13.26 6.92
CA ARG C 79 4.24 14.38 6.64
C ARG C 79 5.01 15.70 6.76
N ALA C 80 5.70 15.87 7.88
CA ALA C 80 6.49 17.07 8.12
C ALA C 80 7.62 17.17 7.12
N ALA C 81 8.30 16.07 6.87
CA ALA C 81 9.42 16.05 5.94
C ALA C 81 9.04 16.51 4.54
N VAL C 82 7.90 16.04 4.05
CA VAL C 82 7.44 16.42 2.74
C VAL C 82 6.94 17.86 2.72
N ALA C 83 6.16 18.24 3.73
CA ALA C 83 5.66 19.60 3.82
C ALA C 83 6.87 20.55 3.79
N LEU C 84 7.94 20.15 4.47
CA LEU C 84 9.14 20.97 4.50
C LEU C 84 9.87 20.95 3.16
N LYS C 85 9.90 19.78 2.50
CA LYS C 85 10.54 19.71 1.20
C LYS C 85 9.94 20.73 0.23
N TRP C 86 8.62 20.90 0.30
CA TRP C 86 7.96 21.85 -0.59
C TRP C 86 8.40 23.28 -0.29
N LYS C 87 8.92 23.50 0.92
CA LYS C 87 9.40 24.82 1.31
C LYS C 87 10.92 24.91 1.17
N GLY C 88 11.51 23.92 0.53
CA GLY C 88 12.96 23.93 0.37
C GLY C 88 13.73 23.74 1.66
N ILE C 89 13.15 23.05 2.64
CA ILE C 89 13.81 22.82 3.93
C ILE C 89 13.98 21.32 4.24
N GLU C 90 15.20 20.92 4.60
CA GLU C 90 15.49 19.52 4.91
C GLU C 90 15.33 19.15 6.39
N LEU C 91 14.67 18.02 6.64
CA LEU C 91 14.49 17.54 8.01
C LEU C 91 15.36 16.31 8.17
N CYS C 92 16.27 16.35 9.15
CA CYS C 92 17.17 15.23 9.39
C CYS C 92 17.19 14.96 10.90
N GLY C 93 17.74 13.81 11.28
CA GLY C 93 17.85 13.48 12.70
C GLY C 93 16.62 12.91 13.38
N VAL C 94 15.63 12.49 12.61
CA VAL C 94 14.45 11.90 13.23
C VAL C 94 14.86 10.51 13.66
N SER C 95 14.98 10.31 14.97
CA SER C 95 15.40 9.02 15.50
C SER C 95 14.24 8.18 16.01
N PHE C 96 13.08 8.81 16.20
CA PHE C 96 11.91 8.08 16.71
C PHE C 96 10.60 8.62 16.11
N ASP C 97 9.80 7.75 15.51
CA ASP C 97 8.52 8.16 14.94
C ASP C 97 7.43 7.36 15.66
N LEU C 98 6.69 8.03 16.54
CA LEU C 98 5.63 7.40 17.33
C LEU C 98 4.58 6.71 16.46
N LEU C 99 4.28 7.28 15.30
CA LEU C 99 3.28 6.67 14.43
C LEU C 99 3.77 5.30 13.97
N LEU C 100 5.01 5.23 13.51
CA LEU C 100 5.57 3.97 13.04
C LEU C 100 5.76 2.96 14.18
N ALA C 101 6.08 3.46 15.37
CA ALA C 101 6.27 2.59 16.53
C ALA C 101 4.95 1.97 16.93
N ALA C 102 3.90 2.79 16.97
CA ALA C 102 2.57 2.30 17.34
C ALA C 102 2.11 1.29 16.29
N TYR C 103 2.33 1.61 15.02
CA TYR C 103 1.94 0.72 13.93
C TYR C 103 2.58 -0.66 14.07
N LEU C 104 3.86 -0.70 14.41
CA LEU C 104 4.55 -1.98 14.56
C LEU C 104 4.08 -2.77 15.78
N LEU C 105 3.76 -2.07 16.87
CA LEU C 105 3.31 -2.75 18.08
C LEU C 105 1.97 -3.46 17.87
N ASP C 106 1.09 -2.83 17.11
CA ASP C 106 -0.22 -3.43 16.81
C ASP C 106 -0.88 -2.71 15.64
N PRO C 107 -0.65 -3.19 14.41
CA PRO C 107 -1.23 -2.57 13.22
C PRO C 107 -2.75 -2.59 13.18
N ALA C 108 -3.36 -3.40 14.04
CA ALA C 108 -4.82 -3.49 14.08
C ALA C 108 -5.45 -2.31 14.82
N GLN C 109 -4.68 -1.65 15.69
CA GLN C 109 -5.20 -0.53 16.45
C GLN C 109 -5.62 0.64 15.57
N GLY C 110 -4.98 0.79 14.42
CA GLY C 110 -5.35 1.88 13.53
C GLY C 110 -5.06 3.26 14.10
N VAL C 111 -3.89 3.39 14.72
CA VAL C 111 -3.49 4.66 15.30
C VAL C 111 -3.25 5.69 14.20
N ASP C 112 -3.91 6.84 14.29
CA ASP C 112 -3.73 7.88 13.29
C ASP C 112 -3.52 9.28 13.86
N ASP C 113 -3.30 9.35 15.17
CA ASP C 113 -2.98 10.61 15.81
C ASP C 113 -2.26 10.32 17.11
N VAL C 114 -1.61 11.33 17.68
CA VAL C 114 -0.86 11.15 18.91
C VAL C 114 -1.74 10.64 20.04
N ALA C 115 -2.94 11.19 20.16
CA ALA C 115 -3.85 10.77 21.21
C ALA C 115 -4.09 9.25 21.18
N ALA C 116 -4.30 8.70 19.99
CA ALA C 116 -4.57 7.27 19.85
C ALA C 116 -3.37 6.42 20.29
N ALA C 117 -2.17 6.82 19.90
CA ALA C 117 -0.97 6.09 20.28
C ALA C 117 -0.71 6.20 21.78
N ALA C 118 -0.91 7.40 22.33
CA ALA C 118 -0.68 7.61 23.76
C ALA C 118 -1.65 6.79 24.60
N LYS C 119 -2.85 6.56 24.10
CA LYS C 119 -3.85 5.80 24.84
C LYS C 119 -3.35 4.36 25.08
N MET C 120 -2.52 3.85 24.18
CA MET C 120 -1.99 2.49 24.32
C MET C 120 -1.21 2.33 25.62
N LYS C 121 -0.69 3.44 26.14
CA LYS C 121 0.08 3.40 27.39
C LYS C 121 -0.58 4.17 28.51
N GLN C 122 -1.91 4.27 28.47
CA GLN C 122 -2.66 4.95 29.53
C GLN C 122 -2.25 6.41 29.66
N TYR C 123 -1.85 7.03 28.56
CA TYR C 123 -1.50 8.45 28.60
C TYR C 123 -2.65 9.17 27.91
N GLU C 124 -3.31 10.07 28.65
CA GLU C 124 -4.46 10.78 28.09
C GLU C 124 -4.45 12.31 28.22
N ALA C 125 -3.30 12.89 28.50
CA ALA C 125 -3.21 14.34 28.62
C ALA C 125 -2.97 15.01 27.27
N VAL C 126 -3.74 14.57 26.28
CA VAL C 126 -3.65 15.08 24.92
C VAL C 126 -4.94 14.71 24.22
N ARG C 127 -5.49 15.64 23.45
CA ARG C 127 -6.75 15.42 22.73
C ARG C 127 -6.54 14.85 21.32
N PRO C 128 -7.57 14.19 20.77
CA PRO C 128 -7.46 13.63 19.42
C PRO C 128 -7.46 14.82 18.44
N ASP C 129 -6.75 14.72 17.32
CA ASP C 129 -6.73 15.83 16.37
C ASP C 129 -8.15 16.22 15.94
N GLU C 130 -9.03 15.22 15.83
CA GLU C 130 -10.40 15.46 15.43
C GLU C 130 -11.15 16.40 16.38
N ALA C 131 -10.97 16.19 17.67
CA ALA C 131 -11.64 17.02 18.67
C ALA C 131 -11.17 18.48 18.59
N VAL C 132 -9.96 18.69 18.10
CA VAL C 132 -9.41 20.04 18.00
C VAL C 132 -9.71 20.69 16.65
N TYR C 133 -9.47 19.95 15.57
CA TYR C 133 -9.65 20.48 14.22
C TYR C 133 -11.02 20.20 13.62
N GLY C 134 -11.79 19.33 14.27
CA GLY C 134 -13.11 19.00 13.76
C GLY C 134 -13.00 18.12 12.53
N LYS C 135 -14.10 17.98 11.80
CA LYS C 135 -14.12 17.14 10.61
C LYS C 135 -14.84 17.83 9.46
N GLY C 136 -14.88 17.18 8.31
CA GLY C 136 -15.55 17.70 7.12
C GLY C 136 -15.56 19.20 6.92
N ALA C 137 -16.75 19.73 6.64
CA ALA C 137 -16.94 21.17 6.39
C ALA C 137 -16.69 21.98 7.64
N LYS C 138 -16.08 21.36 8.64
CA LYS C 138 -15.78 22.04 9.89
C LYS C 138 -14.30 21.93 10.25
N ARG C 139 -13.57 21.14 9.49
CA ARG C 139 -12.15 20.94 9.73
C ARG C 139 -11.40 22.24 9.50
N ALA C 140 -11.15 22.96 10.59
CA ALA C 140 -10.45 24.24 10.51
C ALA C 140 -9.47 24.39 11.67
N VAL C 141 -8.42 25.16 11.44
CA VAL C 141 -7.40 25.41 12.45
C VAL C 141 -7.98 26.38 13.46
N PRO C 142 -7.93 26.04 14.76
CA PRO C 142 -8.46 26.90 15.81
C PRO C 142 -7.58 28.12 16.04
N ASP C 143 -7.94 28.94 17.03
CA ASP C 143 -7.16 30.13 17.35
C ASP C 143 -5.86 29.75 18.03
N GLU C 144 -4.85 30.59 17.87
CA GLU C 144 -3.53 30.36 18.43
C GLU C 144 -3.44 29.73 19.83
N PRO C 145 -4.20 30.27 20.81
CA PRO C 145 -4.14 29.69 22.16
C PRO C 145 -4.49 28.21 22.20
N VAL C 146 -5.59 27.86 21.54
CA VAL C 146 -6.04 26.47 21.49
C VAL C 146 -5.05 25.65 20.68
N LEU C 147 -4.60 26.20 19.57
CA LEU C 147 -3.65 25.53 18.68
C LEU C 147 -2.32 25.24 19.38
N ALA C 148 -1.75 26.26 19.99
CA ALA C 148 -0.48 26.14 20.68
C ALA C 148 -0.50 25.09 21.79
N GLU C 149 -1.57 25.02 22.56
CA GLU C 149 -1.60 24.04 23.63
C GLU C 149 -1.69 22.62 23.08
N HIS C 150 -2.50 22.44 22.04
CA HIS C 150 -2.64 21.11 21.45
C HIS C 150 -1.28 20.63 20.93
N LEU C 151 -0.59 21.46 20.16
CA LEU C 151 0.70 21.06 19.62
C LEU C 151 1.72 20.80 20.72
N VAL C 152 1.65 21.57 21.79
CA VAL C 152 2.58 21.37 22.90
C VAL C 152 2.27 20.07 23.63
N ARG C 153 0.99 19.76 23.79
CA ARG C 153 0.59 18.53 24.45
C ARG C 153 0.97 17.33 23.59
N LYS C 154 0.85 17.46 22.27
CA LYS C 154 1.21 16.35 21.39
C LYS C 154 2.72 16.13 21.51
N ALA C 155 3.48 17.21 21.51
CA ALA C 155 4.93 17.12 21.64
C ALA C 155 5.30 16.52 22.99
N ALA C 156 4.57 16.92 24.02
CA ALA C 156 4.83 16.42 25.37
C ALA C 156 4.57 14.93 25.46
N ALA C 157 3.51 14.44 24.81
CA ALA C 157 3.17 13.01 24.84
C ALA C 157 4.28 12.23 24.14
N ILE C 158 4.72 12.73 23.00
CA ILE C 158 5.78 12.06 22.25
C ILE C 158 7.04 11.97 23.12
N TRP C 159 7.36 13.07 23.78
CA TRP C 159 8.53 13.15 24.65
C TRP C 159 8.50 12.09 25.76
N GLU C 160 7.31 11.90 26.35
CA GLU C 160 7.11 10.94 27.43
C GLU C 160 6.99 9.49 26.98
N LEU C 161 6.35 9.29 25.82
CA LEU C 161 6.10 7.96 25.28
C LEU C 161 7.24 7.27 24.56
N GLU C 162 8.20 8.02 24.05
CA GLU C 162 9.31 7.41 23.32
C GLU C 162 9.91 6.21 24.04
N ARG C 163 10.26 6.40 25.30
CA ARG C 163 10.88 5.33 26.09
C ARG C 163 9.99 4.11 26.24
N PRO C 164 8.75 4.27 26.74
CA PRO C 164 7.91 3.08 26.88
C PRO C 164 7.69 2.34 25.56
N PHE C 165 7.55 3.08 24.45
CA PHE C 165 7.34 2.42 23.17
C PHE C 165 8.59 1.65 22.72
N LEU C 166 9.77 2.27 22.86
CA LEU C 166 11.01 1.61 22.48
C LEU C 166 11.24 0.35 23.31
N ASP C 167 10.86 0.39 24.59
CA ASP C 167 11.03 -0.78 25.47
C ASP C 167 10.17 -1.96 25.01
N GLU C 168 8.92 -1.71 24.66
CA GLU C 168 8.07 -2.81 24.24
C GLU C 168 8.54 -3.36 22.91
N LEU C 169 8.94 -2.47 22.00
CA LEU C 169 9.45 -2.88 20.69
C LEU C 169 10.66 -3.81 20.88
N ARG C 170 11.56 -3.43 21.78
CA ARG C 170 12.73 -4.23 22.06
C ARG C 170 12.33 -5.59 22.60
N ARG C 171 11.34 -5.57 23.50
CA ARG C 171 10.79 -6.77 24.12
C ARG C 171 10.25 -7.68 23.02
N ASN C 172 9.63 -7.07 22.01
CA ASN C 172 9.06 -7.80 20.88
C ASN C 172 10.11 -8.11 19.82
N GLU C 173 11.37 -7.73 20.07
CA GLU C 173 12.43 -7.95 19.09
C GLU C 173 12.12 -7.18 17.81
N GLN C 174 11.49 -6.02 17.96
CA GLN C 174 11.11 -5.17 16.84
C GLN C 174 11.85 -3.85 16.81
N ASP C 175 12.84 -3.70 17.69
CA ASP C 175 13.62 -2.48 17.74
C ASP C 175 14.34 -2.21 16.42
N ARG C 176 15.00 -3.21 15.85
CA ARG C 176 15.70 -3.00 14.57
C ARG C 176 14.67 -2.82 13.44
N LEU C 177 13.49 -3.41 13.60
CA LEU C 177 12.43 -3.29 12.61
C LEU C 177 12.09 -1.79 12.43
N LEU C 178 11.96 -1.08 13.54
CA LEU C 178 11.64 0.35 13.48
C LEU C 178 12.83 1.19 13.01
N VAL C 179 13.94 1.07 13.74
CA VAL C 179 15.14 1.86 13.47
C VAL C 179 15.90 1.59 12.17
N GLU C 180 15.95 0.33 11.75
CA GLU C 180 16.67 -0.01 10.54
C GLU C 180 15.83 -0.22 9.28
N LEU C 181 14.52 -0.44 9.44
CA LEU C 181 13.66 -0.63 8.28
C LEU C 181 12.63 0.48 8.07
N GLU C 182 11.58 0.52 8.89
CA GLU C 182 10.53 1.51 8.74
C GLU C 182 10.94 2.99 8.75
N GLN C 183 11.73 3.42 9.73
CA GLN C 183 12.12 4.82 9.79
C GLN C 183 13.00 5.23 8.60
N PRO C 184 13.98 4.40 8.20
CA PRO C 184 14.78 4.83 7.05
C PRO C 184 13.90 4.83 5.79
N LEU C 185 12.98 3.87 5.72
CA LEU C 185 12.07 3.79 4.57
C LEU C 185 11.18 5.03 4.47
N SER C 186 10.83 5.59 5.63
CA SER C 186 9.97 6.77 5.68
C SER C 186 10.58 7.92 4.89
N SER C 187 11.89 8.11 5.05
CA SER C 187 12.61 9.17 4.34
C SER C 187 12.64 8.89 2.84
N ILE C 188 12.77 7.62 2.47
CA ILE C 188 12.82 7.28 1.06
C ILE C 188 11.45 7.59 0.43
N LEU C 189 10.38 7.18 1.11
CA LEU C 189 9.05 7.42 0.61
C LEU C 189 8.79 8.93 0.48
N ALA C 190 9.33 9.70 1.42
CA ALA C 190 9.14 11.14 1.40
C ALA C 190 9.75 11.71 0.12
N GLU C 191 10.90 11.19 -0.26
CA GLU C 191 11.58 11.63 -1.47
C GLU C 191 10.79 11.25 -2.70
N MET C 192 10.26 10.03 -2.70
CA MET C 192 9.47 9.52 -3.82
C MET C 192 8.21 10.36 -4.04
N GLU C 193 7.49 10.61 -2.95
CA GLU C 193 6.26 11.39 -3.01
C GLU C 193 6.55 12.80 -3.51
N PHE C 194 7.60 13.41 -2.95
CA PHE C 194 7.98 14.77 -3.33
C PHE C 194 8.35 14.85 -4.82
N ALA C 195 9.11 13.87 -5.31
CA ALA C 195 9.54 13.85 -6.71
C ALA C 195 8.32 13.73 -7.63
N GLY C 196 7.38 12.88 -7.26
CA GLY C 196 6.18 12.70 -8.06
C GLY C 196 6.43 12.02 -9.39
N VAL C 197 5.36 11.80 -10.15
CA VAL C 197 5.47 11.17 -11.45
C VAL C 197 4.83 12.10 -12.48
N LYS C 198 5.57 12.38 -13.55
CA LYS C 198 5.11 13.26 -14.60
C LYS C 198 3.98 12.60 -15.39
N VAL C 199 2.96 13.36 -15.74
CA VAL C 199 1.82 12.84 -16.49
C VAL C 199 1.62 13.59 -17.80
N ASP C 200 1.42 12.82 -18.86
CA ASP C 200 1.15 13.39 -20.18
C ASP C 200 -0.35 13.67 -20.20
N THR C 201 -0.75 14.82 -19.67
CA THR C 201 -2.17 15.17 -19.62
C THR C 201 -2.87 15.25 -20.97
N LYS C 202 -2.16 15.73 -21.99
CA LYS C 202 -2.75 15.83 -23.33
C LYS C 202 -3.17 14.43 -23.77
N ARG C 203 -2.29 13.45 -23.58
CA ARG C 203 -2.60 12.08 -23.97
C ARG C 203 -3.80 11.54 -23.19
N LEU C 204 -3.86 11.88 -21.90
CA LEU C 204 -4.95 11.44 -21.05
C LEU C 204 -6.28 12.04 -21.51
N GLU C 205 -6.25 13.30 -21.94
CA GLU C 205 -7.44 13.98 -22.40
C GLU C 205 -7.96 13.43 -23.73
N GLN C 206 -7.05 13.03 -24.61
CA GLN C 206 -7.46 12.47 -25.89
C GLN C 206 -8.18 11.15 -25.65
N MET C 207 -7.60 10.29 -24.81
CA MET C 207 -8.22 9.01 -24.50
C MET C 207 -9.60 9.28 -23.93
N GLY C 208 -9.69 10.32 -23.12
CA GLY C 208 -10.96 10.68 -22.51
C GLY C 208 -12.00 11.00 -23.57
N LYS C 209 -11.58 11.68 -24.64
CA LYS C 209 -12.50 12.05 -25.71
C LYS C 209 -13.00 10.79 -26.42
N GLU C 210 -12.08 9.86 -26.67
CA GLU C 210 -12.42 8.61 -27.34
C GLU C 210 -13.35 7.76 -26.48
N LEU C 211 -13.18 7.82 -25.16
CA LEU C 211 -14.02 7.06 -24.25
C LEU C 211 -15.43 7.65 -24.21
N ALA C 212 -15.50 8.98 -24.15
CA ALA C 212 -16.77 9.68 -24.11
C ALA C 212 -17.62 9.29 -25.31
N GLU C 213 -17.00 9.26 -26.48
CA GLU C 213 -17.69 8.90 -27.72
C GLU C 213 -18.23 7.48 -27.60
N GLN C 214 -17.37 6.54 -27.25
CA GLN C 214 -17.74 5.15 -27.09
C GLN C 214 -18.86 4.97 -26.07
N LEU C 215 -18.76 5.65 -24.95
CA LEU C 215 -19.77 5.57 -23.91
C LEU C 215 -21.12 6.03 -24.47
N GLY C 216 -21.09 7.07 -25.30
CA GLY C 216 -22.31 7.59 -25.88
C GLY C 216 -22.98 6.57 -26.78
N THR C 217 -22.18 5.91 -27.61
CA THR C 217 -22.70 4.90 -28.51
C THR C 217 -23.30 3.73 -27.73
N VAL C 218 -22.48 3.15 -26.84
CA VAL C 218 -22.92 2.02 -26.02
C VAL C 218 -24.13 2.39 -25.16
N GLU C 219 -24.17 3.63 -24.69
CA GLU C 219 -25.25 4.11 -23.86
C GLU C 219 -26.58 3.99 -24.61
N GLN C 220 -26.63 4.61 -25.80
CA GLN C 220 -27.84 4.58 -26.62
C GLN C 220 -28.23 3.15 -26.98
N ARG C 221 -27.26 2.31 -27.30
CA ARG C 221 -27.54 0.93 -27.64
C ARG C 221 -28.27 0.27 -26.48
N ILE C 222 -27.77 0.48 -25.27
CA ILE C 222 -28.37 -0.07 -24.07
C ILE C 222 -29.82 0.38 -23.91
N TYR C 223 -30.09 1.65 -24.18
CA TYR C 223 -31.45 2.16 -24.05
C TYR C 223 -32.36 1.56 -25.10
N GLU C 224 -31.83 1.33 -26.30
CA GLU C 224 -32.63 0.76 -27.37
C GLU C 224 -32.93 -0.72 -27.08
N LEU C 225 -31.99 -1.41 -26.44
CA LEU C 225 -32.17 -2.81 -26.11
C LEU C 225 -33.08 -2.98 -24.91
N ALA C 226 -33.28 -1.90 -24.15
CA ALA C 226 -34.13 -1.94 -22.97
C ALA C 226 -35.50 -1.35 -23.28
N GLY C 227 -35.59 -0.65 -24.41
CA GLY C 227 -36.84 -0.05 -24.80
C GLY C 227 -37.12 1.22 -24.02
N GLN C 228 -36.08 1.77 -23.39
CA GLN C 228 -36.22 2.99 -22.61
C GLN C 228 -34.91 3.42 -21.99
N GLU C 229 -34.89 4.64 -21.45
CA GLU C 229 -33.71 5.19 -20.80
C GLU C 229 -33.76 4.97 -19.29
N PHE C 230 -32.59 4.94 -18.66
CA PHE C 230 -32.48 4.76 -17.22
C PHE C 230 -31.02 4.95 -16.82
N ASN C 231 -30.76 5.19 -15.55
CA ASN C 231 -29.38 5.38 -15.09
C ASN C 231 -28.70 4.03 -14.98
N ILE C 232 -27.90 3.68 -15.98
CA ILE C 232 -27.18 2.42 -16.01
C ILE C 232 -26.29 2.24 -14.79
N ASN C 233 -25.83 3.35 -14.21
CA ASN C 233 -24.96 3.30 -13.04
C ASN C 233 -25.74 3.12 -11.74
N SER C 234 -27.05 2.96 -11.88
CA SER C 234 -27.91 2.76 -10.72
C SER C 234 -28.25 1.28 -10.65
N PRO C 235 -27.44 0.49 -9.92
CA PRO C 235 -27.70 -0.94 -9.80
C PRO C 235 -29.16 -1.25 -9.42
N LYS C 236 -29.84 -0.25 -8.86
CA LYS C 236 -31.24 -0.40 -8.48
C LYS C 236 -32.09 -0.37 -9.74
N GLN C 237 -31.90 0.67 -10.54
CA GLN C 237 -32.64 0.84 -11.79
C GLN C 237 -32.28 -0.27 -12.77
N LEU C 238 -31.00 -0.58 -12.85
CA LEU C 238 -30.52 -1.62 -13.76
C LEU C 238 -31.16 -2.95 -13.40
N GLY C 239 -31.21 -3.25 -12.12
CA GLY C 239 -31.81 -4.50 -11.67
C GLY C 239 -33.28 -4.60 -12.10
N VAL C 240 -33.96 -3.47 -12.13
CA VAL C 240 -35.36 -3.42 -12.53
C VAL C 240 -35.50 -3.74 -14.01
N ILE C 241 -34.58 -3.20 -14.81
CA ILE C 241 -34.59 -3.44 -16.26
C ILE C 241 -34.25 -4.88 -16.59
N LEU C 242 -33.23 -5.40 -15.91
CA LEU C 242 -32.76 -6.76 -16.14
C LEU C 242 -33.62 -7.90 -15.57
N PHE C 243 -33.96 -7.79 -14.30
CA PHE C 243 -34.72 -8.85 -13.63
C PHE C 243 -36.24 -8.72 -13.58
N GLU C 244 -36.76 -7.59 -14.05
CA GLU C 244 -38.19 -7.38 -14.06
C GLU C 244 -38.71 -7.21 -15.49
N LYS C 245 -38.20 -6.22 -16.20
CA LYS C 245 -38.63 -5.97 -17.57
C LYS C 245 -38.18 -7.07 -18.53
N LEU C 246 -36.89 -7.39 -18.52
CA LEU C 246 -36.35 -8.42 -19.41
C LEU C 246 -36.45 -9.82 -18.82
N GLN C 247 -36.96 -9.90 -17.59
CA GLN C 247 -37.17 -11.18 -16.92
C GLN C 247 -35.96 -12.11 -16.80
N LEU C 248 -34.75 -11.57 -16.88
CA LEU C 248 -33.57 -12.42 -16.75
C LEU C 248 -33.58 -13.12 -15.40
N PRO C 249 -32.97 -14.31 -15.32
CA PRO C 249 -32.93 -15.06 -14.06
C PRO C 249 -32.04 -14.42 -12.98
N VAL C 250 -32.52 -14.46 -11.75
CA VAL C 250 -31.78 -13.91 -10.61
C VAL C 250 -30.90 -15.01 -10.04
N LEU C 251 -29.62 -14.98 -10.39
CA LEU C 251 -28.69 -16.01 -9.92
C LEU C 251 -27.91 -15.59 -8.68
N LYS C 252 -27.99 -14.31 -8.34
CA LYS C 252 -27.28 -13.77 -7.18
C LYS C 252 -27.94 -12.48 -6.71
N LYS C 253 -28.09 -12.36 -5.39
CA LYS C 253 -28.71 -11.18 -4.81
C LYS C 253 -27.80 -10.53 -3.76
N THR C 254 -27.97 -9.24 -3.58
CA THR C 254 -27.18 -8.50 -2.60
C THR C 254 -28.09 -8.01 -1.48
N LYS C 255 -27.52 -7.79 -0.31
CA LYS C 255 -28.26 -7.33 0.86
C LYS C 255 -29.30 -6.27 0.50
N THR C 256 -28.93 -5.33 -0.37
CA THR C 256 -29.83 -4.26 -0.80
C THR C 256 -30.86 -4.71 -1.84
N GLY C 257 -30.41 -5.31 -2.92
CA GLY C 257 -31.32 -5.76 -3.96
C GLY C 257 -30.69 -6.74 -4.94
N TYR C 258 -31.06 -6.64 -6.21
CA TYR C 258 -30.52 -7.52 -7.24
C TYR C 258 -29.04 -7.28 -7.46
N SER C 259 -28.28 -8.37 -7.66
CA SER C 259 -26.85 -8.28 -7.91
C SER C 259 -26.61 -8.06 -9.40
N THR C 260 -25.72 -7.12 -9.75
CA THR C 260 -25.42 -6.85 -11.15
C THR C 260 -23.93 -6.82 -11.42
N SER C 261 -23.14 -7.46 -10.56
CA SER C 261 -21.70 -7.49 -10.74
C SER C 261 -21.35 -8.23 -12.04
N ALA C 262 -20.26 -7.82 -12.67
CA ALA C 262 -19.80 -8.44 -13.92
C ALA C 262 -19.80 -9.95 -13.75
N ASP C 263 -19.58 -10.38 -12.52
CA ASP C 263 -19.54 -11.79 -12.15
C ASP C 263 -20.87 -12.44 -12.50
N VAL C 264 -21.96 -11.68 -12.36
CA VAL C 264 -23.30 -12.14 -12.64
C VAL C 264 -23.70 -11.93 -14.10
N LEU C 265 -23.42 -10.75 -14.62
CA LEU C 265 -23.77 -10.41 -15.99
C LEU C 265 -23.22 -11.39 -17.01
N GLU C 266 -21.97 -11.79 -16.85
CA GLU C 266 -21.36 -12.74 -17.78
C GLU C 266 -22.23 -13.98 -17.95
N LYS C 267 -22.73 -14.51 -16.84
CA LYS C 267 -23.58 -15.69 -16.87
C LYS C 267 -24.95 -15.40 -17.48
N LEU C 268 -25.31 -14.12 -17.55
CA LEU C 268 -26.60 -13.73 -18.11
C LEU C 268 -26.53 -13.34 -19.59
N ALA C 269 -25.32 -13.08 -20.07
CA ALA C 269 -25.10 -12.67 -21.46
C ALA C 269 -25.82 -13.51 -22.51
N PRO C 270 -25.80 -14.85 -22.38
CA PRO C 270 -26.46 -15.70 -23.36
C PRO C 270 -27.96 -15.42 -23.52
N TYR C 271 -28.57 -14.92 -22.46
CA TYR C 271 -30.00 -14.63 -22.46
C TYR C 271 -30.44 -13.39 -23.22
N HIS C 272 -29.67 -12.32 -23.10
CA HIS C 272 -30.05 -11.08 -23.78
C HIS C 272 -28.84 -10.25 -24.20
N GLU C 273 -28.94 -9.65 -25.38
CA GLU C 273 -27.85 -8.84 -25.93
C GLU C 273 -27.47 -7.65 -25.07
N ILE C 274 -28.43 -7.14 -24.30
CA ILE C 274 -28.17 -5.97 -23.46
C ILE C 274 -27.09 -6.21 -22.42
N VAL C 275 -26.95 -7.45 -21.97
CA VAL C 275 -25.95 -7.77 -20.97
C VAL C 275 -24.53 -7.39 -21.40
N GLU C 276 -24.13 -7.85 -22.59
CA GLU C 276 -22.80 -7.56 -23.11
C GLU C 276 -22.55 -6.06 -23.20
N ASN C 277 -23.53 -5.31 -23.70
CA ASN C 277 -23.39 -3.87 -23.82
C ASN C 277 -23.22 -3.23 -22.45
N ILE C 278 -23.90 -3.77 -21.44
CA ILE C 278 -23.81 -3.24 -20.09
C ILE C 278 -22.40 -3.50 -19.53
N LEU C 279 -21.85 -4.66 -19.85
CA LEU C 279 -20.50 -5.02 -19.40
C LEU C 279 -19.49 -4.05 -20.04
N HIS C 280 -19.63 -3.87 -21.35
CA HIS C 280 -18.73 -2.97 -22.09
C HIS C 280 -18.86 -1.55 -21.55
N TYR C 281 -20.08 -1.19 -21.14
CA TYR C 281 -20.34 0.13 -20.58
C TYR C 281 -19.66 0.28 -19.23
N ARG C 282 -19.74 -0.78 -18.41
CA ARG C 282 -19.11 -0.78 -17.09
C ARG C 282 -17.62 -0.55 -17.24
N GLN C 283 -17.02 -1.29 -18.17
CA GLN C 283 -15.59 -1.20 -18.45
C GLN C 283 -15.15 0.21 -18.86
N LEU C 284 -15.79 0.76 -19.87
CA LEU C 284 -15.46 2.10 -20.35
C LEU C 284 -15.68 3.16 -19.27
N GLY C 285 -16.80 3.06 -18.57
CA GLY C 285 -17.11 4.02 -17.52
C GLY C 285 -16.12 4.00 -16.37
N LYS C 286 -15.58 2.82 -16.07
CA LYS C 286 -14.61 2.66 -15.00
C LYS C 286 -13.32 3.40 -15.37
N LEU C 287 -12.96 3.33 -16.64
CA LEU C 287 -11.75 3.98 -17.12
C LEU C 287 -11.90 5.50 -17.24
N GLN C 288 -13.08 5.93 -17.66
CA GLN C 288 -13.35 7.36 -17.82
C GLN C 288 -13.40 8.08 -16.48
N SER C 289 -14.33 7.65 -15.63
CA SER C 289 -14.53 8.26 -14.33
C SER C 289 -13.37 8.09 -13.33
N THR C 290 -12.97 6.84 -13.09
CA THR C 290 -11.89 6.59 -12.13
C THR C 290 -10.49 7.00 -12.53
N TYR C 291 -10.03 6.53 -13.68
CA TYR C 291 -8.68 6.80 -14.15
C TYR C 291 -8.46 8.07 -14.98
N ILE C 292 -9.24 8.26 -16.03
CA ILE C 292 -9.05 9.45 -16.84
C ILE C 292 -9.34 10.71 -16.03
N GLU C 293 -10.60 10.90 -15.65
CA GLU C 293 -11.00 12.06 -14.87
C GLU C 293 -10.38 12.07 -13.47
N GLY C 294 -10.26 10.89 -12.87
CA GLY C 294 -9.69 10.79 -11.54
C GLY C 294 -8.26 11.32 -11.46
N LEU C 295 -7.41 10.89 -12.38
CA LEU C 295 -6.02 11.33 -12.42
C LEU C 295 -5.90 12.81 -12.77
N LEU C 296 -6.63 13.24 -13.79
CA LEU C 296 -6.59 14.63 -14.22
C LEU C 296 -6.92 15.60 -13.09
N LYS C 297 -7.73 15.15 -12.13
CA LYS C 297 -8.10 15.99 -11.00
C LYS C 297 -6.98 16.21 -9.99
N VAL C 298 -6.02 15.29 -9.93
CA VAL C 298 -4.92 15.43 -8.96
C VAL C 298 -3.57 15.82 -9.54
N VAL C 299 -3.48 15.94 -10.86
CA VAL C 299 -2.24 16.34 -11.49
C VAL C 299 -2.03 17.82 -11.20
N ARG C 300 -0.83 18.20 -10.78
CA ARG C 300 -0.53 19.60 -10.49
C ARG C 300 -0.37 20.31 -11.83
N PRO C 301 -1.21 21.31 -12.11
CA PRO C 301 -1.15 22.04 -13.38
C PRO C 301 0.17 22.75 -13.70
N ASP C 302 0.92 23.12 -12.68
CA ASP C 302 2.18 23.80 -12.95
C ASP C 302 3.28 22.85 -13.40
N THR C 303 3.37 21.69 -12.76
CA THR C 303 4.41 20.70 -13.10
C THR C 303 3.92 19.50 -13.87
N LYS C 304 2.60 19.35 -13.98
CA LYS C 304 1.99 18.22 -14.66
C LYS C 304 2.41 16.90 -14.01
N LYS C 305 2.62 16.93 -12.70
CA LYS C 305 3.00 15.75 -11.94
C LYS C 305 1.90 15.36 -10.96
N VAL C 306 1.90 14.09 -10.55
CA VAL C 306 0.98 13.63 -9.53
C VAL C 306 1.88 13.23 -8.35
N HIS C 307 1.55 13.70 -7.16
CA HIS C 307 2.32 13.39 -5.97
C HIS C 307 1.47 12.54 -5.03
N THR C 308 1.65 11.22 -5.12
CA THR C 308 0.90 10.30 -4.28
C THR C 308 1.39 10.36 -2.84
N ILE C 309 0.61 9.78 -1.93
CA ILE C 309 0.99 9.72 -0.54
C ILE C 309 0.95 8.25 -0.18
N PHE C 310 2.07 7.75 0.30
CA PHE C 310 2.15 6.35 0.67
C PHE C 310 1.80 6.20 2.14
N ASN C 311 0.73 5.47 2.43
CA ASN C 311 0.37 5.26 3.82
C ASN C 311 1.25 4.10 4.27
N GLN C 312 2.20 4.40 5.15
CA GLN C 312 3.14 3.40 5.65
C GLN C 312 2.67 2.71 6.94
N ALA C 313 1.61 3.23 7.55
CA ALA C 313 1.13 2.65 8.81
C ALA C 313 -0.34 2.24 8.76
N LEU C 314 -0.72 1.47 7.75
CA LEU C 314 -2.11 1.05 7.62
C LEU C 314 -2.37 -0.45 7.58
N THR C 315 -1.86 -1.11 6.55
CA THR C 315 -2.09 -2.55 6.36
C THR C 315 -1.56 -3.46 7.47
N GLN C 316 -2.29 -4.53 7.72
CA GLN C 316 -1.90 -5.50 8.74
C GLN C 316 -0.85 -6.48 8.25
N THR C 317 -0.54 -6.44 6.95
CA THR C 317 0.46 -7.34 6.39
C THR C 317 1.83 -6.66 6.33
N GLY C 318 1.83 -5.33 6.29
CA GLY C 318 3.08 -4.58 6.21
C GLY C 318 3.28 -3.97 4.84
N ARG C 319 2.39 -4.26 3.90
CA ARG C 319 2.50 -3.69 2.56
C ARG C 319 2.12 -2.21 2.60
N LEU C 320 2.67 -1.44 1.68
CA LEU C 320 2.38 -0.02 1.60
C LEU C 320 1.13 0.18 0.74
N SER C 321 0.36 1.24 1.00
CA SER C 321 -0.80 1.52 0.15
C SER C 321 -0.58 2.93 -0.42
N SER C 322 -1.36 3.28 -1.45
CA SER C 322 -1.21 4.58 -2.12
C SER C 322 -2.52 5.32 -2.29
N THR C 323 -2.52 6.63 -2.06
CA THR C 323 -3.72 7.45 -2.23
C THR C 323 -3.44 8.79 -2.90
N GLU C 324 -4.52 9.38 -3.43
CA GLU C 324 -4.48 10.70 -4.07
C GLU C 324 -3.28 11.06 -4.93
N PRO C 325 -3.13 10.43 -6.10
CA PRO C 325 -3.92 9.26 -6.52
C PRO C 325 -3.38 7.91 -6.07
N ASN C 326 -4.19 6.88 -6.22
CA ASN C 326 -3.79 5.53 -5.89
C ASN C 326 -3.10 5.01 -7.15
N LEU C 327 -1.79 4.86 -7.11
CA LEU C 327 -1.06 4.40 -8.27
C LEU C 327 -0.70 2.92 -8.21
N GLN C 328 -1.44 2.16 -7.42
CA GLN C 328 -1.17 0.74 -7.28
C GLN C 328 -2.21 -0.11 -8.00
N ASN C 329 -3.21 0.55 -8.59
CA ASN C 329 -4.25 -0.18 -9.31
C ASN C 329 -4.51 0.38 -10.70
N ILE C 330 -3.47 0.94 -11.31
CA ILE C 330 -3.61 1.48 -12.67
C ILE C 330 -3.76 0.28 -13.62
N PRO C 331 -4.80 0.31 -14.48
CA PRO C 331 -5.10 -0.75 -15.46
C PRO C 331 -3.90 -1.35 -16.21
N ILE C 332 -3.93 -2.66 -16.38
CA ILE C 332 -2.86 -3.36 -17.10
C ILE C 332 -3.29 -4.68 -17.73
N ARG C 333 -4.24 -5.38 -17.11
CA ARG C 333 -4.69 -6.67 -17.62
C ARG C 333 -5.32 -6.57 -19.00
N LEU C 334 -6.28 -5.67 -19.18
CA LEU C 334 -6.92 -5.48 -20.47
C LEU C 334 -6.17 -4.38 -21.19
N GLU C 335 -5.89 -4.59 -22.48
CA GLU C 335 -5.15 -3.63 -23.29
C GLU C 335 -5.73 -2.22 -23.33
N GLU C 336 -7.05 -2.12 -23.35
CA GLU C 336 -7.69 -0.80 -23.40
C GLU C 336 -7.30 0.05 -22.20
N GLY C 337 -7.46 -0.50 -21.00
CA GLY C 337 -7.11 0.23 -19.81
C GLY C 337 -5.60 0.37 -19.65
N ARG C 338 -4.87 -0.63 -20.12
CA ARG C 338 -3.41 -0.62 -20.02
C ARG C 338 -2.82 0.63 -20.68
N LYS C 339 -3.45 1.07 -21.77
CA LYS C 339 -2.99 2.25 -22.50
C LYS C 339 -2.85 3.45 -21.59
N ILE C 340 -3.57 3.44 -20.47
CA ILE C 340 -3.52 4.53 -19.49
C ILE C 340 -2.08 4.78 -19.02
N ARG C 341 -1.31 3.70 -18.97
CA ARG C 341 0.06 3.79 -18.51
C ARG C 341 1.01 4.55 -19.43
N GLN C 342 0.60 4.78 -20.67
CA GLN C 342 1.43 5.53 -21.59
C GLN C 342 1.44 7.01 -21.18
N ALA C 343 0.56 7.36 -20.25
CA ALA C 343 0.46 8.74 -19.78
C ALA C 343 1.44 9.03 -18.64
N PHE C 344 2.08 7.99 -18.11
CA PHE C 344 3.04 8.18 -17.04
C PHE C 344 4.40 8.16 -17.71
N VAL C 345 5.06 9.32 -17.70
CA VAL C 345 6.33 9.48 -18.38
C VAL C 345 7.47 9.96 -17.49
N PRO C 346 8.72 9.94 -18.02
CA PRO C 346 9.88 10.40 -17.25
C PRO C 346 9.72 11.89 -17.00
N SER C 347 10.28 12.37 -15.90
CA SER C 347 10.17 13.78 -15.55
C SER C 347 11.15 14.66 -16.35
N GLU C 348 12.00 14.04 -17.17
CA GLU C 348 12.95 14.79 -17.98
C GLU C 348 13.14 14.14 -19.33
N SER C 349 13.55 14.93 -20.31
CA SER C 349 13.76 14.41 -21.64
C SER C 349 15.00 13.52 -21.63
N ASP C 350 14.95 12.45 -22.42
CA ASP C 350 16.05 11.52 -22.51
C ASP C 350 16.19 10.68 -21.24
N TRP C 351 15.12 10.62 -20.46
CA TRP C 351 15.10 9.80 -19.25
C TRP C 351 14.13 8.68 -19.61
N LEU C 352 14.22 7.57 -18.90
CA LEU C 352 13.35 6.44 -19.17
C LEU C 352 12.77 5.86 -17.90
N ILE C 353 11.67 5.11 -18.03
CA ILE C 353 11.04 4.46 -16.89
C ILE C 353 11.60 3.04 -16.78
N PHE C 354 12.11 2.70 -15.60
CA PHE C 354 12.68 1.37 -15.35
C PHE C 354 11.87 0.69 -14.23
N ALA C 355 11.33 -0.48 -14.50
CA ALA C 355 10.54 -1.20 -13.51
C ALA C 355 11.09 -2.60 -13.29
N ALA C 356 11.20 -3.00 -12.03
CA ALA C 356 11.67 -4.34 -11.68
C ALA C 356 10.69 -4.95 -10.70
N ASP C 357 10.34 -6.21 -10.91
CA ASP C 357 9.40 -6.88 -10.01
C ASP C 357 9.84 -8.28 -9.63
N TYR C 358 9.55 -8.66 -8.40
CA TYR C 358 9.89 -9.98 -7.90
C TYR C 358 8.98 -11.00 -8.57
N SER C 359 9.55 -12.11 -9.00
CA SER C 359 8.77 -13.16 -9.62
C SER C 359 8.40 -14.20 -8.56
N GLN C 360 7.11 -14.28 -8.25
CA GLN C 360 6.57 -15.23 -7.27
C GLN C 360 7.25 -15.16 -5.90
N ILE C 361 7.49 -13.96 -5.39
CA ILE C 361 8.13 -13.85 -4.08
C ILE C 361 7.33 -14.52 -2.96
N GLU C 362 6.00 -14.45 -3.04
CA GLU C 362 5.18 -15.05 -2.00
C GLU C 362 5.35 -16.57 -1.91
N LEU C 363 5.30 -17.26 -3.05
CA LEU C 363 5.46 -18.73 -3.02
C LEU C 363 6.90 -19.13 -2.68
N ARG C 364 7.87 -18.29 -3.02
CA ARG C 364 9.26 -18.57 -2.69
C ARG C 364 9.42 -18.42 -1.17
N VAL C 365 8.81 -17.37 -0.63
CA VAL C 365 8.84 -17.16 0.80
C VAL C 365 8.18 -18.34 1.51
N LEU C 366 7.07 -18.84 0.96
CA LEU C 366 6.36 -19.97 1.56
C LEU C 366 7.24 -21.22 1.52
N ALA C 367 7.96 -21.43 0.42
CA ALA C 367 8.82 -22.58 0.30
C ALA C 367 9.87 -22.54 1.39
N HIS C 368 10.44 -21.36 1.59
CA HIS C 368 11.47 -21.13 2.59
C HIS C 368 10.95 -21.35 4.02
N ILE C 369 9.84 -20.71 4.35
CA ILE C 369 9.27 -20.83 5.69
C ILE C 369 8.78 -22.23 6.06
N ALA C 370 8.10 -22.88 5.12
CA ALA C 370 7.56 -24.21 5.35
C ALA C 370 8.62 -25.28 5.09
N GLU C 371 9.71 -24.88 4.45
CA GLU C 371 10.78 -25.82 4.11
C GLU C 371 10.19 -27.04 3.42
N ASP C 372 9.35 -26.79 2.43
CA ASP C 372 8.73 -27.86 1.68
C ASP C 372 9.72 -28.30 0.60
N ASP C 373 10.20 -29.53 0.70
CA ASP C 373 11.17 -30.04 -0.27
C ASP C 373 10.71 -29.91 -1.71
N ASN C 374 9.48 -30.30 -2.00
CA ASN C 374 8.97 -30.24 -3.35
C ASN C 374 8.93 -28.80 -3.87
N LEU C 375 8.38 -27.90 -3.07
CA LEU C 375 8.29 -26.50 -3.46
C LEU C 375 9.65 -25.83 -3.61
N MET C 376 10.58 -26.15 -2.70
CA MET C 376 11.92 -25.57 -2.76
C MET C 376 12.65 -26.04 -4.01
N GLU C 377 12.51 -27.33 -4.32
CA GLU C 377 13.14 -27.89 -5.51
C GLU C 377 12.58 -27.22 -6.75
N ALA C 378 11.26 -27.04 -6.76
CA ALA C 378 10.58 -26.42 -7.87
C ALA C 378 11.22 -25.07 -8.21
N PHE C 379 11.49 -24.27 -7.18
CA PHE C 379 12.09 -22.95 -7.38
C PHE C 379 13.59 -23.00 -7.62
N ARG C 380 14.28 -23.99 -7.06
CA ARG C 380 15.71 -24.12 -7.29
C ARG C 380 15.91 -24.45 -8.77
N ARG C 381 14.87 -25.02 -9.38
CA ARG C 381 14.90 -25.35 -10.80
C ARG C 381 14.29 -24.23 -11.62
N ASP C 382 13.81 -23.19 -10.94
CA ASP C 382 13.18 -22.05 -11.62
C ASP C 382 12.10 -22.53 -12.60
N LEU C 383 11.30 -23.50 -12.15
CA LEU C 383 10.22 -24.06 -12.96
C LEU C 383 9.05 -23.11 -13.03
N ASP C 384 8.16 -23.32 -13.99
CA ASP C 384 6.95 -22.52 -14.08
C ASP C 384 6.13 -23.12 -12.95
N ILE C 385 5.95 -22.39 -11.87
CA ILE C 385 5.23 -22.90 -10.71
C ILE C 385 3.77 -23.31 -10.93
N HIS C 386 3.08 -22.68 -11.86
CA HIS C 386 1.70 -23.06 -12.09
C HIS C 386 1.60 -24.40 -12.84
N THR C 387 2.50 -24.60 -13.80
CA THR C 387 2.52 -25.84 -14.57
C THR C 387 2.95 -26.96 -13.61
N LYS C 388 3.94 -26.66 -12.77
CA LYS C 388 4.45 -27.62 -11.81
C LYS C 388 3.33 -28.04 -10.86
N THR C 389 2.60 -27.05 -10.35
CA THR C 389 1.51 -27.33 -9.42
C THR C 389 0.43 -28.19 -10.08
N ALA C 390 0.12 -27.90 -11.34
CA ALA C 390 -0.87 -28.67 -12.08
C ALA C 390 -0.41 -30.12 -12.24
N MET C 391 0.85 -30.29 -12.65
CA MET C 391 1.43 -31.62 -12.82
C MET C 391 1.26 -32.45 -11.55
N ASP C 392 1.47 -31.81 -10.40
CA ASP C 392 1.37 -32.52 -9.14
C ASP C 392 -0.06 -32.82 -8.67
N ILE C 393 -0.91 -31.81 -8.58
CA ILE C 393 -2.26 -32.09 -8.10
C ILE C 393 -3.05 -32.98 -9.07
N PHE C 394 -2.69 -32.96 -10.36
CA PHE C 394 -3.40 -33.80 -11.33
C PHE C 394 -2.63 -35.05 -11.74
N GLN C 395 -1.44 -35.23 -11.18
CA GLN C 395 -0.62 -36.42 -11.47
C GLN C 395 -0.46 -36.67 -12.96
N VAL C 396 0.11 -35.71 -13.67
CA VAL C 396 0.33 -35.84 -15.11
C VAL C 396 1.70 -35.26 -15.43
N SER C 397 2.20 -35.53 -16.62
CA SER C 397 3.50 -35.02 -17.04
C SER C 397 3.35 -33.60 -17.57
N GLU C 398 4.47 -32.91 -17.75
CA GLU C 398 4.44 -31.53 -18.23
C GLU C 398 3.63 -31.40 -19.52
N ASP C 399 3.82 -32.35 -20.43
CA ASP C 399 3.12 -32.32 -21.71
C ASP C 399 1.62 -32.61 -21.60
N GLU C 400 1.20 -33.22 -20.50
CA GLU C 400 -0.20 -33.53 -20.31
C GLU C 400 -0.98 -32.37 -19.71
N VAL C 401 -0.28 -31.32 -19.29
CA VAL C 401 -0.95 -30.18 -18.70
C VAL C 401 -1.65 -29.33 -19.76
N THR C 402 -2.97 -29.26 -19.69
CA THR C 402 -3.74 -28.46 -20.63
C THR C 402 -3.87 -27.04 -20.12
N PRO C 403 -4.23 -26.09 -21.00
CA PRO C 403 -4.37 -24.71 -20.58
C PRO C 403 -5.34 -24.55 -19.41
N ASN C 404 -6.44 -25.31 -19.41
CA ASN C 404 -7.40 -25.21 -18.31
C ASN C 404 -6.83 -25.74 -16.99
N MET C 405 -6.05 -26.82 -17.05
CA MET C 405 -5.44 -27.37 -15.84
C MET C 405 -4.48 -26.36 -15.21
N ARG C 406 -3.71 -25.66 -16.04
CA ARG C 406 -2.78 -24.67 -15.52
C ARG C 406 -3.57 -23.52 -14.90
N ARG C 407 -4.66 -23.14 -15.56
CA ARG C 407 -5.50 -22.05 -15.07
C ARG C 407 -6.00 -22.35 -13.66
N GLN C 408 -6.39 -23.60 -13.42
CA GLN C 408 -6.88 -23.98 -12.12
C GLN C 408 -5.75 -24.14 -11.10
N ALA C 409 -4.61 -24.66 -11.53
CA ALA C 409 -3.48 -24.81 -10.61
C ALA C 409 -3.07 -23.41 -10.19
N LYS C 410 -3.15 -22.48 -11.14
CA LYS C 410 -2.81 -21.09 -10.89
C LYS C 410 -3.78 -20.49 -9.88
N ALA C 411 -5.05 -20.83 -10.02
CA ALA C 411 -6.08 -20.33 -9.10
C ALA C 411 -5.83 -20.86 -7.69
N VAL C 412 -5.34 -22.10 -7.60
CA VAL C 412 -5.05 -22.70 -6.30
C VAL C 412 -3.85 -21.96 -5.68
N ASN C 413 -2.85 -21.64 -6.50
CA ASN C 413 -1.67 -20.93 -5.98
C ASN C 413 -2.08 -19.53 -5.54
N PHE C 414 -3.03 -18.93 -6.25
CA PHE C 414 -3.50 -17.60 -5.90
C PHE C 414 -4.14 -17.70 -4.51
N GLY C 415 -4.96 -18.73 -4.32
CA GLY C 415 -5.62 -18.92 -3.05
C GLY C 415 -4.67 -19.12 -1.89
N ILE C 416 -3.51 -19.71 -2.17
CA ILE C 416 -2.48 -19.96 -1.18
C ILE C 416 -1.74 -18.66 -0.84
N VAL C 417 -1.38 -17.92 -1.89
CA VAL C 417 -0.65 -16.67 -1.73
C VAL C 417 -1.43 -15.55 -1.04
N TYR C 418 -2.73 -15.48 -1.30
CA TYR C 418 -3.55 -14.42 -0.71
C TYR C 418 -4.49 -14.84 0.41
N GLY C 419 -4.39 -16.11 0.81
CA GLY C 419 -5.19 -16.63 1.90
C GLY C 419 -6.71 -16.61 1.76
N ILE C 420 -7.22 -17.03 0.60
CA ILE C 420 -8.67 -17.04 0.39
C ILE C 420 -9.24 -18.37 0.89
N SER C 421 -10.53 -18.37 1.23
CA SER C 421 -11.18 -19.58 1.72
C SER C 421 -11.46 -20.54 0.57
N ASP C 422 -11.78 -21.79 0.92
CA ASP C 422 -12.10 -22.80 -0.08
C ASP C 422 -13.37 -22.41 -0.82
N TYR C 423 -14.18 -21.58 -0.18
CA TYR C 423 -15.42 -21.10 -0.78
C TYR C 423 -15.01 -20.05 -1.81
N GLY C 424 -14.02 -19.24 -1.46
CA GLY C 424 -13.53 -18.21 -2.37
C GLY C 424 -12.87 -18.85 -3.58
N LEU C 425 -12.23 -20.00 -3.37
CA LEU C 425 -11.58 -20.72 -4.46
C LEU C 425 -12.68 -21.20 -5.40
N ALA C 426 -13.74 -21.76 -4.81
CA ALA C 426 -14.89 -22.24 -5.57
C ALA C 426 -15.47 -21.12 -6.43
N GLN C 427 -15.79 -19.99 -5.80
CA GLN C 427 -16.33 -18.86 -6.52
C GLN C 427 -15.39 -18.49 -7.65
N ASN C 428 -14.09 -18.54 -7.37
CA ASN C 428 -13.06 -18.20 -8.36
C ASN C 428 -13.02 -19.16 -9.54
N LEU C 429 -13.11 -20.46 -9.25
CA LEU C 429 -13.07 -21.48 -10.29
C LEU C 429 -14.45 -21.82 -10.85
N ASN C 430 -15.49 -21.17 -10.33
CA ASN C 430 -16.85 -21.43 -10.76
C ASN C 430 -17.19 -22.90 -10.57
N ILE C 431 -16.75 -23.45 -9.45
CA ILE C 431 -17.02 -24.85 -9.11
C ILE C 431 -17.59 -24.90 -7.70
N SER C 432 -17.77 -26.11 -7.16
CA SER C 432 -18.33 -26.25 -5.81
C SER C 432 -17.28 -26.30 -4.71
N ARG C 433 -17.69 -25.91 -3.51
CA ARG C 433 -16.82 -25.90 -2.34
C ARG C 433 -16.13 -27.25 -2.18
N LYS C 434 -16.94 -28.32 -2.18
CA LYS C 434 -16.39 -29.65 -2.03
C LYS C 434 -15.36 -29.95 -3.11
N GLU C 435 -15.59 -29.43 -4.32
CA GLU C 435 -14.67 -29.64 -5.43
C GLU C 435 -13.40 -28.82 -5.17
N ALA C 436 -13.58 -27.64 -4.61
CA ALA C 436 -12.46 -26.76 -4.31
C ALA C 436 -11.62 -27.37 -3.19
N ALA C 437 -12.30 -27.87 -2.16
CA ALA C 437 -11.62 -28.49 -1.03
C ALA C 437 -10.83 -29.69 -1.52
N GLU C 438 -11.34 -30.32 -2.57
CA GLU C 438 -10.69 -31.49 -3.16
C GLU C 438 -9.33 -31.13 -3.75
N PHE C 439 -9.26 -30.01 -4.48
CA PHE C 439 -8.01 -29.60 -5.07
C PHE C 439 -7.03 -29.27 -3.96
N ILE C 440 -7.51 -28.53 -2.97
CA ILE C 440 -6.71 -28.13 -1.81
C ILE C 440 -6.08 -29.38 -1.20
N GLU C 441 -6.90 -30.40 -1.04
CA GLU C 441 -6.44 -31.67 -0.48
C GLU C 441 -5.33 -32.28 -1.33
N ARG C 442 -5.51 -32.27 -2.65
CA ARG C 442 -4.51 -32.81 -3.54
C ARG C 442 -3.22 -31.99 -3.43
N TYR C 443 -3.37 -30.68 -3.31
CA TYR C 443 -2.21 -29.81 -3.19
C TYR C 443 -1.39 -30.17 -1.95
N PHE C 444 -2.06 -30.41 -0.83
CA PHE C 444 -1.35 -30.76 0.40
C PHE C 444 -0.68 -32.13 0.30
N GLU C 445 -1.22 -32.99 -0.56
CA GLU C 445 -0.62 -34.31 -0.74
C GLU C 445 0.69 -34.12 -1.50
N SER C 446 0.72 -33.11 -2.38
CA SER C 446 1.90 -32.81 -3.17
C SER C 446 2.91 -31.95 -2.45
N PHE C 447 2.43 -31.15 -1.48
CA PHE C 447 3.31 -30.27 -0.72
C PHE C 447 3.07 -30.43 0.80
N PRO C 448 3.40 -31.60 1.35
CA PRO C 448 3.21 -31.88 2.78
C PRO C 448 3.87 -30.86 3.71
N GLY C 449 4.96 -30.25 3.24
CA GLY C 449 5.64 -29.25 4.05
C GLY C 449 4.71 -28.05 4.26
N VAL C 450 4.05 -27.63 3.19
CA VAL C 450 3.12 -26.51 3.27
C VAL C 450 1.97 -26.88 4.20
N LYS C 451 1.53 -28.12 4.14
CA LYS C 451 0.43 -28.56 5.00
C LYS C 451 0.88 -28.46 6.45
N ARG C 452 2.06 -28.99 6.74
CA ARG C 452 2.61 -28.95 8.10
C ARG C 452 2.66 -27.50 8.59
N TYR C 453 3.18 -26.61 7.75
CA TYR C 453 3.29 -25.20 8.09
C TYR C 453 1.93 -24.59 8.41
N MET C 454 0.94 -24.88 7.57
CA MET C 454 -0.40 -24.34 7.78
C MET C 454 -0.98 -24.76 9.12
N GLU C 455 -0.84 -26.04 9.46
CA GLU C 455 -1.33 -26.55 10.74
C GLU C 455 -0.54 -25.97 11.92
N ASN C 456 0.78 -25.97 11.80
CA ASN C 456 1.65 -25.48 12.86
C ASN C 456 1.50 -23.99 13.16
N ILE C 457 1.36 -23.19 12.11
CA ILE C 457 1.23 -21.75 12.30
C ILE C 457 -0.09 -21.39 12.99
N VAL C 458 -1.16 -22.06 12.60
CA VAL C 458 -2.47 -21.82 13.22
C VAL C 458 -2.37 -22.15 14.72
N GLN C 459 -1.66 -23.23 15.02
CA GLN C 459 -1.45 -23.65 16.40
C GLN C 459 -0.60 -22.63 17.16
N GLU C 460 0.45 -22.14 16.51
CA GLU C 460 1.32 -21.15 17.14
C GLU C 460 0.57 -19.85 17.39
N ALA C 461 -0.30 -19.48 16.46
CA ALA C 461 -1.10 -18.27 16.58
C ALA C 461 -2.04 -18.36 17.78
N LYS C 462 -2.59 -19.56 17.99
CA LYS C 462 -3.50 -19.77 19.12
C LYS C 462 -2.73 -19.76 20.43
N GLN C 463 -1.50 -20.27 20.42
CA GLN C 463 -0.68 -20.33 21.62
C GLN C 463 -0.08 -18.98 22.01
N LYS C 464 0.55 -18.30 21.06
CA LYS C 464 1.16 -17.01 21.33
C LYS C 464 0.20 -15.84 21.26
N GLY C 465 -0.86 -15.99 20.48
CA GLY C 465 -1.82 -14.91 20.32
C GLY C 465 -1.50 -14.05 19.10
N TYR C 466 -0.43 -14.39 18.39
CA TYR C 466 -0.01 -13.65 17.21
C TYR C 466 0.90 -14.46 16.30
N VAL C 467 1.17 -13.95 15.10
CA VAL C 467 2.08 -14.59 14.14
C VAL C 467 3.09 -13.51 13.75
N THR C 468 4.25 -13.92 13.24
CA THR C 468 5.28 -12.95 12.85
C THR C 468 5.86 -13.21 11.47
N THR C 469 6.50 -12.18 10.93
CA THR C 469 7.12 -12.24 9.62
C THR C 469 8.64 -12.36 9.73
N LEU C 470 9.29 -12.61 8.61
CA LEU C 470 10.73 -12.74 8.54
C LEU C 470 11.47 -11.67 9.35
N LEU C 471 11.06 -10.41 9.20
CA LEU C 471 11.73 -9.35 9.92
C LEU C 471 11.07 -8.94 11.24
N HIS C 472 10.26 -9.84 11.79
CA HIS C 472 9.60 -9.67 13.08
C HIS C 472 8.39 -8.75 13.16
N ARG C 473 7.75 -8.49 12.03
CA ARG C 473 6.53 -7.68 12.05
C ARG C 473 5.53 -8.65 12.67
N ARG C 474 4.55 -8.16 13.42
CA ARG C 474 3.59 -9.09 14.00
C ARG C 474 2.14 -8.69 13.82
N ARG C 475 1.28 -9.69 13.91
CA ARG C 475 -0.15 -9.47 13.77
C ARG C 475 -0.86 -10.28 14.84
N TYR C 476 -1.63 -9.60 15.68
CA TYR C 476 -2.37 -10.25 16.74
C TYR C 476 -3.66 -10.82 16.13
N LEU C 477 -4.03 -12.03 16.52
CA LEU C 477 -5.23 -12.67 15.99
C LEU C 477 -6.17 -13.14 17.10
N PRO C 478 -6.78 -12.19 17.81
CA PRO C 478 -7.71 -12.53 18.91
C PRO C 478 -8.85 -13.45 18.49
N ASP C 479 -9.30 -13.32 17.25
CA ASP C 479 -10.40 -14.15 16.75
C ASP C 479 -10.02 -15.59 16.47
N ILE C 480 -8.75 -15.95 16.69
CA ILE C 480 -8.31 -17.31 16.44
C ILE C 480 -8.96 -18.32 17.40
N THR C 481 -9.52 -17.83 18.50
CA THR C 481 -10.16 -18.71 19.49
C THR C 481 -11.68 -18.57 19.50
N SER C 482 -12.23 -17.78 18.59
CA SER C 482 -13.67 -17.54 18.50
C SER C 482 -14.50 -18.80 18.23
N ARG C 483 -15.62 -18.93 18.92
CA ARG C 483 -16.48 -20.09 18.72
C ARG C 483 -17.36 -19.96 17.48
N ASN C 484 -17.20 -18.85 16.76
CA ASN C 484 -17.95 -18.63 15.53
C ASN C 484 -17.08 -19.08 14.37
N PHE C 485 -17.50 -20.14 13.68
CA PHE C 485 -16.75 -20.71 12.57
C PHE C 485 -16.20 -19.69 11.58
N ASN C 486 -17.07 -18.88 10.99
CA ASN C 486 -16.62 -17.89 10.02
C ASN C 486 -15.59 -16.93 10.57
N VAL C 487 -15.81 -16.47 11.80
CA VAL C 487 -14.87 -15.55 12.42
C VAL C 487 -13.53 -16.23 12.68
N ARG C 488 -13.59 -17.45 13.21
CA ARG C 488 -12.36 -18.20 13.50
C ARG C 488 -11.61 -18.58 12.22
N SER C 489 -12.35 -19.03 11.21
CA SER C 489 -11.77 -19.42 9.94
C SER C 489 -10.97 -18.29 9.31
N PHE C 490 -11.49 -17.08 9.41
CA PHE C 490 -10.82 -15.91 8.84
C PHE C 490 -9.49 -15.68 9.56
N ALA C 491 -9.52 -15.79 10.88
CA ALA C 491 -8.30 -15.59 11.68
C ALA C 491 -7.27 -16.65 11.36
N GLU C 492 -7.72 -17.87 11.09
CA GLU C 492 -6.78 -18.96 10.77
C GLU C 492 -6.08 -18.72 9.43
N ARG C 493 -6.81 -18.19 8.46
CA ARG C 493 -6.22 -17.92 7.16
C ARG C 493 -5.23 -16.78 7.25
N MET C 494 -5.53 -15.80 8.10
CA MET C 494 -4.63 -14.67 8.30
C MET C 494 -3.36 -15.15 9.01
N ALA C 495 -3.50 -16.16 9.85
CA ALA C 495 -2.36 -16.69 10.58
C ALA C 495 -1.42 -17.38 9.59
N MET C 496 -2.01 -18.08 8.64
CA MET C 496 -1.26 -18.80 7.61
C MET C 496 -0.63 -17.82 6.63
N ASN C 497 -1.45 -16.89 6.16
CA ASN C 497 -1.07 -15.93 5.16
C ASN C 497 -0.20 -14.73 5.53
N THR C 498 -0.37 -14.20 6.75
CA THR C 498 0.41 -13.02 7.12
C THR C 498 1.93 -13.21 7.10
N PRO C 499 2.43 -14.37 7.56
CA PRO C 499 3.88 -14.57 7.54
C PRO C 499 4.39 -14.63 6.09
N ILE C 500 3.52 -15.05 5.19
CA ILE C 500 3.86 -15.14 3.78
C ILE C 500 3.91 -13.75 3.15
N GLN C 501 2.75 -13.08 3.08
CA GLN C 501 2.68 -11.75 2.49
C GLN C 501 3.48 -10.73 3.29
N GLY C 502 3.41 -10.81 4.62
CA GLY C 502 4.14 -9.89 5.47
C GLY C 502 5.64 -9.99 5.23
N SER C 503 6.17 -11.21 5.10
CA SER C 503 7.58 -11.36 4.86
C SER C 503 7.96 -10.80 3.47
N ALA C 504 7.08 -10.97 2.48
CA ALA C 504 7.37 -10.43 1.15
C ALA C 504 7.43 -8.90 1.26
N ALA C 505 6.53 -8.33 2.06
CA ALA C 505 6.51 -6.88 2.26
C ALA C 505 7.82 -6.44 2.93
N ASP C 506 8.28 -7.20 3.92
CA ASP C 506 9.52 -6.86 4.62
C ASP C 506 10.69 -6.80 3.64
N ILE C 507 10.78 -7.81 2.77
CA ILE C 507 11.86 -7.90 1.79
C ILE C 507 11.86 -6.75 0.81
N ILE C 508 10.68 -6.41 0.31
CA ILE C 508 10.51 -5.33 -0.64
C ILE C 508 10.98 -4.00 -0.03
N LYS C 509 10.65 -3.77 1.24
CA LYS C 509 11.04 -2.55 1.93
C LYS C 509 12.55 -2.50 2.12
N LYS C 510 13.17 -3.63 2.46
CA LYS C 510 14.61 -3.67 2.66
C LYS C 510 15.32 -3.46 1.33
N ALA C 511 14.75 -3.99 0.26
CA ALA C 511 15.36 -3.82 -1.05
C ALA C 511 15.37 -2.34 -1.40
N MET C 512 14.30 -1.63 -1.05
CA MET C 512 14.23 -0.21 -1.34
C MET C 512 15.35 0.53 -0.62
N ILE C 513 15.55 0.20 0.65
CA ILE C 513 16.62 0.84 1.43
C ILE C 513 17.99 0.48 0.82
N ASP C 514 18.21 -0.80 0.55
CA ASP C 514 19.48 -1.24 -0.04
C ASP C 514 19.69 -0.58 -1.40
N LEU C 515 18.63 -0.50 -2.22
CA LEU C 515 18.76 0.11 -3.54
C LEU C 515 19.18 1.58 -3.50
N ASN C 516 18.50 2.36 -2.66
CA ASN C 516 18.84 3.77 -2.54
C ASN C 516 20.27 3.98 -2.08
N ALA C 517 20.77 3.09 -1.23
CA ALA C 517 22.14 3.22 -0.75
C ALA C 517 23.09 2.90 -1.90
N ARG C 518 22.77 1.87 -2.69
CA ARG C 518 23.62 1.53 -3.82
C ARG C 518 23.58 2.62 -4.89
N LEU C 519 22.42 3.19 -5.13
CA LEU C 519 22.29 4.25 -6.14
C LEU C 519 23.18 5.45 -5.82
N LYS C 520 23.25 5.79 -4.54
CA LYS C 520 24.06 6.91 -4.05
C LYS C 520 25.56 6.58 -4.15
N GLU C 521 25.93 5.37 -3.74
CA GLU C 521 27.31 4.94 -3.80
C GLU C 521 27.81 5.02 -5.24
N GLU C 522 26.96 4.61 -6.18
CA GLU C 522 27.29 4.62 -7.60
C GLU C 522 27.11 5.99 -8.21
N ARG C 523 26.66 6.95 -7.41
CA ARG C 523 26.42 8.31 -7.89
C ARG C 523 25.55 8.32 -9.14
N LEU C 524 24.52 7.48 -9.16
CA LEU C 524 23.60 7.43 -10.29
C LEU C 524 22.51 8.45 -10.03
N GLN C 525 21.92 8.98 -11.10
CA GLN C 525 20.85 9.96 -10.99
C GLN C 525 19.50 9.25 -10.90
N ALA C 526 19.50 7.96 -11.17
CA ALA C 526 18.27 7.18 -11.12
C ALA C 526 17.66 7.29 -9.73
N HIS C 527 16.32 7.30 -9.66
CA HIS C 527 15.67 7.36 -8.37
C HIS C 527 14.31 6.69 -8.39
N LEU C 528 13.88 6.24 -7.21
CA LEU C 528 12.61 5.57 -7.04
C LEU C 528 11.45 6.52 -7.26
N LEU C 529 10.39 6.01 -7.88
CA LEU C 529 9.20 6.81 -8.10
C LEU C 529 8.00 6.18 -7.41
N LEU C 530 7.88 4.87 -7.53
CA LEU C 530 6.75 4.16 -6.94
C LEU C 530 7.09 2.75 -6.51
N GLN C 531 6.28 2.25 -5.58
CA GLN C 531 6.41 0.88 -5.11
C GLN C 531 4.99 0.40 -5.29
N VAL C 532 4.83 -0.65 -6.06
CA VAL C 532 3.52 -1.20 -6.36
C VAL C 532 3.60 -2.71 -6.22
N HIS C 533 2.66 -3.29 -5.49
CA HIS C 533 2.62 -4.74 -5.28
C HIS C 533 4.03 -5.28 -5.02
N ASP C 534 4.56 -6.10 -5.91
CA ASP C 534 5.91 -6.63 -5.68
C ASP C 534 6.94 -6.02 -6.61
N GLU C 535 6.73 -4.78 -7.02
CA GLU C 535 7.68 -4.15 -7.92
C GLU C 535 8.14 -2.76 -7.52
N LEU C 536 9.30 -2.38 -8.03
CA LEU C 536 9.86 -1.06 -7.78
C LEU C 536 9.90 -0.37 -9.13
N ILE C 537 9.47 0.88 -9.16
CA ILE C 537 9.45 1.63 -10.40
C ILE C 537 10.33 2.87 -10.26
N LEU C 538 11.27 3.02 -11.18
CA LEU C 538 12.19 4.15 -11.18
C LEU C 538 12.19 4.85 -12.52
N GLU C 539 12.94 5.95 -12.59
CA GLU C 539 13.14 6.72 -13.82
C GLU C 539 14.61 7.14 -13.74
N ALA C 540 15.25 7.29 -14.89
CA ALA C 540 16.64 7.67 -14.90
C ALA C 540 17.07 8.05 -16.30
N PRO C 541 18.27 8.66 -16.43
CA PRO C 541 18.78 9.06 -17.73
C PRO C 541 18.87 7.81 -18.60
N LYS C 542 18.66 7.95 -19.90
CA LYS C 542 18.73 6.79 -20.79
C LYS C 542 20.13 6.17 -20.75
N GLU C 543 21.12 6.95 -20.34
CA GLU C 543 22.49 6.46 -20.27
C GLU C 543 22.77 5.53 -19.07
N GLU C 544 21.80 5.40 -18.16
CA GLU C 544 21.97 4.57 -16.97
C GLU C 544 21.24 3.21 -17.02
N MET C 545 20.48 2.99 -18.07
CA MET C 545 19.73 1.75 -18.21
C MET C 545 20.62 0.50 -18.11
N GLU C 546 21.68 0.45 -18.90
CA GLU C 546 22.54 -0.73 -18.87
C GLU C 546 23.05 -1.02 -17.47
N ARG C 547 23.49 0.00 -16.74
CA ARG C 547 23.97 -0.24 -15.39
C ARG C 547 22.81 -0.67 -14.47
N LEU C 548 21.64 -0.08 -14.68
CA LEU C 548 20.46 -0.40 -13.88
C LEU C 548 19.97 -1.83 -14.12
N CYS C 549 20.14 -2.32 -15.35
CA CYS C 549 19.71 -3.67 -15.68
C CYS C 549 20.42 -4.72 -14.85
N ARG C 550 21.63 -4.38 -14.41
CA ARG C 550 22.43 -5.29 -13.59
C ARG C 550 22.29 -4.98 -12.12
N LEU C 551 22.33 -3.70 -11.78
CA LEU C 551 22.26 -3.28 -10.39
C LEU C 551 20.95 -3.52 -9.64
N VAL C 552 19.84 -3.07 -10.20
CA VAL C 552 18.55 -3.23 -9.52
C VAL C 552 18.20 -4.68 -9.20
N PRO C 553 18.22 -5.58 -10.19
CA PRO C 553 17.88 -6.97 -9.91
C PRO C 553 18.78 -7.58 -8.83
N GLU C 554 20.07 -7.29 -8.89
CA GLU C 554 21.01 -7.82 -7.90
C GLU C 554 20.65 -7.39 -6.48
N VAL C 555 20.47 -6.08 -6.29
CA VAL C 555 20.12 -5.54 -4.99
C VAL C 555 18.83 -6.19 -4.48
N MET C 556 17.81 -6.25 -5.34
CA MET C 556 16.53 -6.85 -4.98
C MET C 556 16.64 -8.35 -4.71
N GLU C 557 17.47 -9.04 -5.49
CA GLU C 557 17.63 -10.49 -5.29
C GLU C 557 18.47 -10.81 -4.04
N GLN C 558 19.26 -9.85 -3.57
CA GLN C 558 20.11 -10.09 -2.39
C GLN C 558 19.63 -9.38 -1.13
N ALA C 559 18.42 -8.85 -1.14
CA ALA C 559 17.87 -8.15 0.01
C ALA C 559 17.94 -9.03 1.25
N VAL C 560 17.62 -10.31 1.08
CA VAL C 560 17.68 -11.27 2.16
C VAL C 560 18.14 -12.56 1.54
N THR C 561 18.50 -13.54 2.36
CA THR C 561 18.93 -14.83 1.85
C THR C 561 17.96 -15.89 2.35
N LEU C 562 17.26 -16.54 1.42
CA LEU C 562 16.30 -17.57 1.76
C LEU C 562 16.83 -18.91 1.27
N ARG C 563 16.08 -19.97 1.56
CA ARG C 563 16.46 -21.31 1.17
C ARG C 563 16.30 -21.56 -0.33
N VAL C 564 15.68 -20.60 -1.01
CA VAL C 564 15.50 -20.69 -2.44
C VAL C 564 15.92 -19.33 -2.94
N PRO C 565 16.24 -19.22 -4.24
CA PRO C 565 16.66 -17.92 -4.79
C PRO C 565 15.48 -16.95 -4.91
N LEU C 566 15.80 -15.67 -4.97
CA LEU C 566 14.78 -14.65 -5.19
C LEU C 566 15.03 -14.30 -6.67
N LYS C 567 13.96 -14.10 -7.43
CA LYS C 567 14.07 -13.80 -8.84
C LYS C 567 13.38 -12.50 -9.19
N VAL C 568 14.04 -11.67 -9.98
CA VAL C 568 13.51 -10.35 -10.37
C VAL C 568 13.51 -10.14 -11.88
N ASP C 569 12.34 -9.79 -12.44
CA ASP C 569 12.25 -9.51 -13.87
C ASP C 569 12.33 -7.99 -14.00
N TYR C 570 12.77 -7.51 -15.15
CA TYR C 570 12.89 -6.07 -15.34
C TYR C 570 12.67 -5.66 -16.78
N HIS C 571 12.19 -4.43 -16.95
CA HIS C 571 11.94 -3.85 -18.27
C HIS C 571 12.08 -2.34 -18.13
N TYR C 572 12.13 -1.65 -19.25
CA TYR C 572 12.26 -0.19 -19.23
C TYR C 572 11.85 0.35 -20.59
N GLY C 573 11.40 1.59 -20.62
CA GLY C 573 10.97 2.20 -21.87
C GLY C 573 10.64 3.67 -21.74
N SER C 574 10.04 4.23 -22.80
CA SER C 574 9.71 5.66 -22.82
C SER C 574 8.60 6.07 -21.87
N THR C 575 7.72 5.13 -21.55
CA THR C 575 6.62 5.40 -20.62
C THR C 575 6.47 4.18 -19.71
N TRP C 576 5.64 4.32 -18.69
CA TRP C 576 5.38 3.22 -17.75
C TRP C 576 4.84 2.02 -18.51
N TYR C 577 4.02 2.29 -19.51
CA TYR C 577 3.42 1.25 -20.33
C TYR C 577 4.49 0.39 -21.01
N ASP C 578 5.54 1.04 -21.50
CA ASP C 578 6.61 0.32 -22.18
C ASP C 578 7.52 -0.43 -21.25
N ALA C 579 7.50 -0.09 -19.97
CA ALA C 579 8.34 -0.77 -19.00
C ALA C 579 7.75 -2.17 -18.80
N LYS C 580 7.51 -2.85 -19.92
CA LYS C 580 6.92 -4.19 -19.93
C LYS C 580 7.73 -5.15 -20.81
#